data_6CFV
#
_entry.id   6CFV
#
_cell.length_a   52.169
_cell.length_b   52.169
_cell.length_c   214.484
_cell.angle_alpha   90.00
_cell.angle_beta   90.00
_cell.angle_gamma   90.00
#
_symmetry.space_group_name_H-M   'P 43 21 2'
#
loop_
_entity.id
_entity.type
_entity.pdbx_description
1 polymer 'Phosphomannomutase 1'
2 non-polymer 'MAGNESIUM ION'
3 non-polymer 'INOSINIC ACID'
4 water water
#
_entity_poly.entity_id   1
_entity_poly.type   'polypeptide(L)'
_entity_poly.pdbx_seq_one_letter_code
;MAVTAQAARRKERVLCLFDVDGTLTPARQKIDPEVAAFLQKLRSRVQIGVVGGSDYCKIAEQLGDGDEVIEKFDYVFAEN
GTVQYKHGRLLSKQTIQNHLGEELLQDLINFCLSYMALLRLPKKRGTFIEFRNGMLNISPIGRSCTLEERIEFSELDKKE
KIREKFVEALKTEFAGKGLRFSRGGMISFDVFPEGWDKRYCLDSLDQDSFDTIHFFGNETSPGGNDFEIFADPRTVGHSV
VSPQDTVQRCREIFFPETAHEA
;
_entity_poly.pdbx_strand_id   A
#
loop_
_chem_comp.id
_chem_comp.type
_chem_comp.name
_chem_comp.formula
IMP non-polymer 'INOSINIC ACID' 'C10 H13 N4 O8 P'
MG non-polymer 'MAGNESIUM ION' 'Mg 2'
#
# COMPACT_ATOMS: atom_id res chain seq x y z
N GLU A 12 -8.87 -27.32 4.71
CA GLU A 12 -10.16 -26.65 4.52
C GLU A 12 -10.16 -25.22 5.03
N ARG A 13 -8.99 -24.74 5.48
CA ARG A 13 -8.86 -23.37 5.98
C ARG A 13 -8.25 -22.49 4.91
N VAL A 14 -9.07 -21.63 4.34
CA VAL A 14 -8.65 -20.82 3.20
C VAL A 14 -8.79 -19.33 3.52
N LEU A 15 -7.78 -18.54 3.13
CA LEU A 15 -7.88 -17.09 3.20
C LEU A 15 -7.88 -16.51 1.79
N CYS A 16 -8.84 -15.62 1.51
CA CYS A 16 -8.77 -14.81 0.32
C CYS A 16 -8.32 -13.43 0.75
N LEU A 17 -7.23 -12.98 0.16
CA LEU A 17 -6.57 -11.74 0.54
C LEU A 17 -6.57 -10.80 -0.65
N PHE A 18 -7.09 -9.59 -0.45
CA PHE A 18 -7.34 -8.67 -1.57
C PHE A 18 -6.59 -7.36 -1.44
N ASP A 19 -5.96 -6.93 -2.53
CA ASP A 19 -5.57 -5.53 -2.67
C ASP A 19 -6.86 -4.70 -2.66
N VAL A 20 -6.77 -3.41 -2.35
CA VAL A 20 -7.99 -2.60 -2.31
C VAL A 20 -8.24 -1.83 -3.61
N ASP A 21 -7.42 -0.82 -3.88
CA ASP A 21 -7.62 0.06 -5.04
C ASP A 21 -7.61 -0.66 -6.39
N GLY A 22 -8.74 -0.63 -7.07
CA GLY A 22 -8.85 -1.22 -8.40
C GLY A 22 -9.07 -2.72 -8.35
N THR A 23 -9.05 -3.29 -7.16
CA THR A 23 -9.31 -4.71 -6.97
C THR A 23 -10.65 -4.95 -6.28
N LEU A 24 -10.96 -4.15 -5.26
CA LEU A 24 -12.25 -4.25 -4.56
C LEU A 24 -13.10 -2.99 -4.73
N THR A 25 -12.43 -1.87 -4.97
CA THR A 25 -13.11 -0.58 -5.10
C THR A 25 -12.50 0.18 -6.25
N PRO A 26 -13.24 1.16 -6.80
CA PRO A 26 -12.58 2.15 -7.66
C PRO A 26 -11.48 2.83 -6.87
N ALA A 27 -10.40 3.22 -7.52
CA ALA A 27 -9.25 3.81 -6.85
C ALA A 27 -9.61 4.98 -5.94
N ARG A 28 -9.29 4.84 -4.65
CA ARG A 28 -9.57 5.85 -3.61
C ARG A 28 -11.05 6.05 -3.25
N GLN A 29 -11.95 5.34 -3.91
CA GLN A 29 -13.39 5.52 -3.68
C GLN A 29 -14.02 4.40 -2.85
N LYS A 30 -15.24 4.65 -2.39
CA LYS A 30 -16.02 3.68 -1.62
C LYS A 30 -16.30 2.43 -2.44
N ILE A 31 -16.35 1.28 -1.76
CA ILE A 31 -16.71 0.02 -2.38
C ILE A 31 -18.17 0.05 -2.87
N ASP A 32 -18.42 -0.57 -4.01
CA ASP A 32 -19.77 -0.76 -4.54
C ASP A 32 -20.47 -1.72 -3.60
N PRO A 33 -21.69 -1.36 -3.16
CA PRO A 33 -22.47 -2.19 -2.22
C PRO A 33 -22.64 -3.63 -2.69
N GLU A 34 -22.78 -3.84 -3.99
CA GLU A 34 -22.96 -5.19 -4.53
C GLU A 34 -21.68 -6.01 -4.35
N VAL A 35 -20.52 -5.39 -4.56
CA VAL A 35 -19.25 -6.05 -4.28
C VAL A 35 -19.15 -6.37 -2.79
N ALA A 36 -19.41 -5.38 -1.94
CA ALA A 36 -19.39 -5.60 -0.50
C ALA A 36 -20.29 -6.76 -0.08
N ALA A 37 -21.45 -6.87 -0.71
CA ALA A 37 -22.37 -7.96 -0.39
C ALA A 37 -21.76 -9.31 -0.76
N PHE A 38 -21.13 -9.39 -1.94
CA PHE A 38 -20.51 -10.64 -2.35
C PHE A 38 -19.43 -11.08 -1.36
N LEU A 39 -18.61 -10.14 -0.91
CA LEU A 39 -17.54 -10.44 0.03
C LEU A 39 -18.03 -11.13 1.31
N GLN A 40 -19.19 -10.70 1.82
CA GLN A 40 -19.73 -11.36 3.01
C GLN A 40 -20.25 -12.75 2.67
N LYS A 41 -20.78 -12.90 1.46
CA LYS A 41 -21.22 -14.19 0.97
C LYS A 41 -20.01 -15.13 0.88
N LEU A 42 -18.90 -14.61 0.35
CA LEU A 42 -17.67 -15.39 0.23
C LEU A 42 -17.19 -15.83 1.61
N ARG A 43 -17.42 -14.98 2.59
CA ARG A 43 -16.98 -15.22 3.96
C ARG A 43 -17.59 -16.48 4.57
N SER A 44 -18.67 -16.98 3.97
CA SER A 44 -19.29 -18.23 4.43
C SER A 44 -18.46 -19.45 4.06
N ARG A 45 -17.56 -19.29 3.08
CA ARG A 45 -16.75 -20.40 2.60
C ARG A 45 -15.28 -20.24 2.99
N VAL A 46 -14.82 -19.00 3.10
CA VAL A 46 -13.42 -18.71 3.41
C VAL A 46 -13.30 -17.51 4.35
N GLN A 47 -12.11 -17.35 4.95
CA GLN A 47 -11.79 -16.10 5.64
C GLN A 47 -11.39 -15.05 4.60
N ILE A 48 -11.65 -13.77 4.88
CA ILE A 48 -11.29 -12.73 3.92
C ILE A 48 -10.44 -11.63 4.55
N GLY A 49 -9.58 -11.02 3.74
CA GLY A 49 -8.68 -10.01 4.26
C GLY A 49 -8.32 -8.99 3.18
N VAL A 50 -7.93 -7.81 3.62
CA VAL A 50 -7.44 -6.79 2.69
C VAL A 50 -6.00 -6.41 3.04
N VAL A 51 -5.22 -6.05 2.03
CA VAL A 51 -3.92 -5.47 2.26
C VAL A 51 -3.76 -4.31 1.30
N GLY A 52 -3.40 -3.15 1.84
CA GLY A 52 -3.25 -1.95 1.03
C GLY A 52 -2.10 -1.13 1.55
N GLY A 53 -1.52 -0.31 0.67
CA GLY A 53 -0.39 0.53 1.04
C GLY A 53 -0.79 1.75 1.85
N SER A 54 -2.06 2.15 1.77
CA SER A 54 -2.59 3.32 2.50
C SER A 54 -2.69 3.06 3.99
N ASP A 55 -2.79 4.12 4.78
CA ASP A 55 -2.99 3.95 6.22
C ASP A 55 -4.39 3.41 6.52
N TYR A 56 -4.58 2.97 7.76
CA TYR A 56 -5.83 2.34 8.16
C TYR A 56 -7.06 3.22 7.93
N CYS A 57 -6.95 4.50 8.28
CA CYS A 57 -8.06 5.43 8.14
C CYS A 57 -8.62 5.45 6.72
N LYS A 58 -7.73 5.53 5.73
CA LYS A 58 -8.14 5.55 4.33
C LYS A 58 -8.84 4.26 3.92
N ILE A 59 -8.26 3.13 4.32
CA ILE A 59 -8.80 1.82 4.00
C ILE A 59 -10.18 1.63 4.62
N ALA A 60 -10.27 1.95 5.90
CA ALA A 60 -11.54 1.86 6.63
C ALA A 60 -12.61 2.68 5.93
N GLU A 61 -12.22 3.87 5.48
CA GLU A 61 -13.10 4.80 4.82
C GLU A 61 -13.71 4.18 3.55
N GLN A 62 -12.87 3.51 2.76
CA GLN A 62 -13.34 2.92 1.51
C GLN A 62 -14.21 1.68 1.73
N LEU A 63 -14.02 0.99 2.85
CA LEU A 63 -14.64 -0.33 3.00
C LEU A 63 -15.82 -0.40 3.96
N GLY A 64 -16.15 0.73 4.58
CA GLY A 64 -17.30 0.80 5.47
C GLY A 64 -17.40 2.15 6.17
N ASP A 65 -18.37 2.28 7.06
CA ASP A 65 -18.49 3.46 7.89
C ASP A 65 -17.77 3.22 9.20
N GLY A 66 -17.06 4.24 9.69
CA GLY A 66 -16.35 4.12 10.95
C GLY A 66 -15.31 3.03 10.91
N ASP A 67 -15.28 2.20 11.95
CA ASP A 67 -14.38 1.06 11.99
C ASP A 67 -15.06 -0.24 11.55
N GLU A 68 -16.06 -0.14 10.71
CA GLU A 68 -16.77 -1.35 10.27
C GLU A 68 -15.83 -2.34 9.57
N VAL A 69 -14.81 -1.82 8.88
CA VAL A 69 -13.89 -2.67 8.11
C VAL A 69 -13.30 -3.84 8.94
N ILE A 70 -13.07 -3.63 10.22
CA ILE A 70 -12.41 -4.65 11.03
C ILE A 70 -13.37 -5.72 11.54
N GLU A 71 -14.67 -5.47 11.36
CA GLU A 71 -15.69 -6.49 11.61
C GLU A 71 -16.08 -7.20 10.31
N LYS A 72 -16.01 -6.48 9.20
CA LYS A 72 -16.39 -7.02 7.89
C LYS A 72 -15.33 -7.94 7.30
N PHE A 73 -14.07 -7.71 7.66
CA PHE A 73 -12.96 -8.52 7.17
C PHE A 73 -12.24 -9.19 8.32
N ASP A 74 -11.79 -10.43 8.12
CA ASP A 74 -11.07 -11.15 9.15
C ASP A 74 -9.67 -10.57 9.37
N TYR A 75 -9.08 -10.05 8.30
CA TYR A 75 -7.78 -9.37 8.40
C TYR A 75 -7.83 -8.04 7.69
N VAL A 76 -7.24 -7.03 8.32
CA VAL A 76 -7.04 -5.74 7.68
C VAL A 76 -5.58 -5.40 7.82
N PHE A 77 -4.84 -5.41 6.72
CA PHE A 77 -3.42 -5.05 6.71
C PHE A 77 -3.27 -3.68 6.07
N ALA A 78 -3.02 -2.66 6.87
CA ALA A 78 -2.72 -1.34 6.34
C ALA A 78 -1.21 -1.14 6.26
N GLU A 79 -0.79 -0.17 5.45
CA GLU A 79 0.63 0.09 5.21
C GLU A 79 1.39 -1.21 4.96
N ASN A 80 0.83 -1.99 4.04
CA ASN A 80 1.41 -3.23 3.55
C ASN A 80 1.55 -4.35 4.57
N GLY A 81 0.85 -4.20 5.70
CA GLY A 81 0.91 -5.20 6.75
C GLY A 81 1.72 -4.78 7.96
N THR A 82 2.37 -3.62 7.90
CA THR A 82 3.10 -3.13 9.06
C THR A 82 2.11 -2.75 10.18
N VAL A 83 0.85 -2.54 9.79
CA VAL A 83 -0.26 -2.37 10.71
C VAL A 83 -1.24 -3.51 10.46
N GLN A 84 -1.59 -4.27 11.49
CA GLN A 84 -2.48 -5.42 11.31
C GLN A 84 -3.63 -5.50 12.31
N TYR A 85 -4.84 -5.66 11.80
CA TYR A 85 -6.00 -6.03 12.59
C TYR A 85 -6.35 -7.47 12.27
N LYS A 86 -6.46 -8.31 13.29
CA LYS A 86 -6.79 -9.72 13.11
C LYS A 86 -8.05 -10.07 13.89
N HIS A 87 -9.13 -10.42 13.18
CA HIS A 87 -10.44 -10.66 13.80
C HIS A 87 -10.83 -9.56 14.81
N GLY A 88 -10.77 -8.31 14.38
CA GLY A 88 -11.20 -7.18 15.18
C GLY A 88 -10.16 -6.61 16.12
N ARG A 89 -9.03 -7.30 16.28
CA ARG A 89 -8.04 -6.93 17.28
C ARG A 89 -6.80 -6.33 16.62
N LEU A 90 -6.37 -5.17 17.11
CA LEU A 90 -5.16 -4.53 16.61
C LEU A 90 -3.89 -5.17 17.19
N LEU A 91 -2.96 -5.54 16.32
CA LEU A 91 -1.69 -6.13 16.76
C LEU A 91 -0.64 -5.02 16.96
N SER A 92 0.46 -5.35 17.63
CA SER A 92 1.51 -4.36 17.87
C SER A 92 2.22 -4.03 16.56
N LYS A 93 2.53 -2.75 16.38
CA LYS A 93 3.04 -2.29 15.09
C LYS A 93 4.55 -2.42 14.99
N GLN A 94 5.00 -2.54 13.75
CA GLN A 94 6.40 -2.49 13.42
C GLN A 94 6.70 -1.06 12.97
N THR A 95 7.79 -0.49 13.46
CA THR A 95 8.16 0.89 13.14
C THR A 95 9.32 0.83 12.19
N ILE A 96 9.46 1.79 11.29
CA ILE A 96 10.57 1.79 10.35
C ILE A 96 11.93 2.02 11.05
N GLN A 97 11.94 2.80 12.13
CA GLN A 97 13.22 3.09 12.79
C GLN A 97 13.90 1.86 13.42
N ASN A 98 13.10 0.93 13.92
CA ASN A 98 13.64 -0.30 14.52
C ASN A 98 14.34 -1.19 13.47
N HIS A 99 13.85 -1.15 12.23
CA HIS A 99 14.35 -2.02 11.17
C HIS A 99 15.59 -1.42 10.52
N LEU A 100 15.52 -0.14 10.21
CA LEU A 100 16.59 0.53 9.49
C LEU A 100 17.73 0.95 10.41
N GLY A 101 17.39 1.30 11.64
CA GLY A 101 18.37 1.87 12.56
C GLY A 101 18.38 3.38 12.41
N GLU A 102 18.70 4.10 13.50
CA GLU A 102 18.62 5.56 13.48
C GLU A 102 19.61 6.20 12.52
N GLU A 103 20.78 5.60 12.37
CA GLU A 103 21.83 6.22 11.55
C GLU A 103 21.48 6.27 10.07
N LEU A 104 21.02 5.16 9.50
CA LEU A 104 20.59 5.13 8.10
C LEU A 104 19.34 5.97 7.91
N LEU A 105 18.42 5.89 8.87
CA LEU A 105 17.18 6.65 8.78
C LEU A 105 17.50 8.15 8.73
N GLN A 106 18.41 8.60 9.59
CA GLN A 106 18.74 10.01 9.62
C GLN A 106 19.59 10.43 8.41
N ASP A 107 20.46 9.52 7.95
CA ASP A 107 21.17 9.80 6.70
C ASP A 107 20.18 10.07 5.57
N LEU A 108 19.16 9.21 5.47
CA LEU A 108 18.12 9.37 4.43
C LEU A 108 17.38 10.70 4.61
N ILE A 109 16.91 10.94 5.83
CA ILE A 109 16.21 12.18 6.11
C ILE A 109 17.04 13.42 5.73
N ASN A 110 18.30 13.48 6.18
CA ASN A 110 19.13 14.63 5.87
C ASN A 110 19.43 14.81 4.39
N PHE A 111 19.59 13.69 3.68
CA PHE A 111 19.79 13.77 2.24
C PHE A 111 18.58 14.42 1.60
N CYS A 112 17.39 13.99 2.04
CA CYS A 112 16.14 14.52 1.51
C CYS A 112 15.94 16.00 1.83
N LEU A 113 16.19 16.39 3.09
CA LEU A 113 16.12 17.80 3.46
C LEU A 113 17.07 18.64 2.60
N SER A 114 18.30 18.17 2.46
CA SER A 114 19.32 18.92 1.73
C SER A 114 18.93 19.08 0.25
N TYR A 115 18.43 18.00 -0.33
CA TYR A 115 18.04 18.00 -1.74
C TYR A 115 16.87 18.96 -1.98
N MET A 116 15.86 18.86 -1.13
CA MET A 116 14.67 19.70 -1.27
C MET A 116 14.95 21.18 -1.06
N ALA A 117 15.86 21.49 -0.15
CA ALA A 117 16.27 22.88 0.10
C ALA A 117 16.68 23.59 -1.20
N LEU A 118 17.22 22.83 -2.15
CA LEU A 118 17.69 23.41 -3.41
C LEU A 118 16.63 23.45 -4.50
N LEU A 119 15.49 22.80 -4.29
CA LEU A 119 14.41 22.85 -5.27
C LEU A 119 13.61 24.14 -5.16
N ARG A 120 13.44 24.85 -6.27
CA ARG A 120 12.59 26.04 -6.30
C ARG A 120 11.33 25.72 -7.08
N LEU A 121 10.20 25.82 -6.39
CA LEU A 121 8.90 25.43 -6.93
C LEU A 121 8.01 26.66 -6.99
N PRO A 122 6.85 26.56 -7.69
CA PRO A 122 5.91 27.68 -7.64
C PRO A 122 5.46 27.95 -6.20
N LYS A 123 5.26 26.89 -5.42
CA LYS A 123 4.74 26.99 -4.06
C LYS A 123 5.31 25.88 -3.18
N LYS A 124 5.58 26.21 -1.91
CA LYS A 124 5.88 25.18 -0.92
C LYS A 124 5.02 25.40 0.31
N ARG A 125 4.71 24.31 0.99
CA ARG A 125 3.80 24.38 2.12
C ARG A 125 4.46 23.75 3.35
N GLY A 126 4.02 22.56 3.73
CA GLY A 126 4.63 21.87 4.86
C GLY A 126 4.45 20.37 4.76
N THR A 127 5.01 19.65 5.72
CA THR A 127 5.02 18.19 5.68
C THR A 127 5.69 17.69 4.40
N PHE A 128 6.99 17.99 4.31
CA PHE A 128 7.83 17.56 3.20
C PHE A 128 8.29 16.13 3.42
N ILE A 129 8.37 15.74 4.69
CA ILE A 129 8.74 14.38 5.05
C ILE A 129 7.73 13.89 6.07
N GLU A 130 6.86 12.98 5.64
CA GLU A 130 5.85 12.41 6.54
C GLU A 130 6.30 11.04 7.04
N PHE A 131 6.43 10.92 8.36
CA PHE A 131 6.94 9.70 8.96
C PHE A 131 5.76 8.76 9.19
N ARG A 132 5.69 7.65 8.45
CA ARG A 132 4.60 6.68 8.63
C ARG A 132 5.12 5.39 9.27
N ASN A 133 4.23 4.43 9.53
CA ASN A 133 4.68 3.16 10.08
C ASN A 133 5.52 2.37 9.05
N GLY A 134 5.03 2.33 7.82
CA GLY A 134 5.62 1.48 6.80
C GLY A 134 6.59 2.15 5.85
N MET A 135 6.78 3.47 6.00
CA MET A 135 7.60 4.20 5.04
C MET A 135 7.83 5.64 5.49
N LEU A 136 8.68 6.35 4.75
CA LEU A 136 8.68 7.82 4.77
C LEU A 136 8.07 8.27 3.46
N ASN A 137 7.16 9.24 3.51
CA ASN A 137 6.62 9.84 2.30
C ASN A 137 7.27 11.19 2.11
N ILE A 138 7.86 11.39 0.93
CA ILE A 138 8.61 12.61 0.62
C ILE A 138 7.86 13.43 -0.43
N SER A 139 7.57 14.69 -0.10
CA SER A 139 6.83 15.59 -1.00
C SER A 139 7.52 16.94 -1.13
N PRO A 140 8.06 17.23 -2.33
CA PRO A 140 8.76 18.50 -2.59
C PRO A 140 7.89 19.73 -2.33
N ILE A 141 6.61 19.69 -2.70
CA ILE A 141 5.70 20.81 -2.42
C ILE A 141 5.27 20.78 -0.94
N GLY A 142 5.14 19.58 -0.40
CA GLY A 142 4.63 19.40 0.93
C GLY A 142 3.19 18.92 0.93
N ARG A 143 2.89 17.94 1.78
CA ARG A 143 1.58 17.30 1.78
C ARG A 143 0.42 18.20 2.19
N SER A 144 0.69 19.27 2.93
CA SER A 144 -0.38 20.17 3.35
C SER A 144 -0.75 21.21 2.28
N CYS A 145 -0.85 20.78 1.03
CA CYS A 145 -1.21 21.68 -0.06
C CYS A 145 -2.66 21.43 -0.49
N THR A 146 -3.29 22.45 -1.05
CA THR A 146 -4.66 22.31 -1.56
C THR A 146 -4.70 21.51 -2.86
N LEU A 147 -5.90 21.15 -3.30
CA LEU A 147 -6.07 20.39 -4.52
C LEU A 147 -5.46 21.11 -5.71
N GLU A 148 -5.75 22.40 -5.82
CA GLU A 148 -5.24 23.24 -6.91
C GLU A 148 -3.71 23.31 -6.91
N GLU A 149 -3.13 23.45 -5.72
CA GLU A 149 -1.69 23.50 -5.56
C GLU A 149 -1.07 22.16 -5.98
N ARG A 150 -1.74 21.08 -5.61
CA ARG A 150 -1.30 19.75 -5.98
C ARG A 150 -1.28 19.55 -7.50
N ILE A 151 -2.34 19.96 -8.19
CA ILE A 151 -2.39 19.82 -9.65
C ILE A 151 -1.31 20.68 -10.29
N GLU A 152 -1.15 21.90 -9.80
CA GLU A 152 -0.09 22.79 -10.28
C GLU A 152 1.29 22.15 -10.15
N PHE A 153 1.60 21.61 -8.97
CA PHE A 153 2.87 20.91 -8.82
C PHE A 153 2.97 19.75 -9.80
N SER A 154 1.90 18.96 -9.90
CA SER A 154 1.94 17.77 -10.73
C SER A 154 2.32 18.07 -12.18
N GLU A 155 1.77 19.17 -12.70
CA GLU A 155 2.03 19.57 -14.08
C GLU A 155 3.49 19.95 -14.25
N LEU A 156 4.01 20.74 -13.31
CA LEU A 156 5.43 21.08 -13.34
C LEU A 156 6.31 19.83 -13.22
N ASP A 157 5.90 18.90 -12.35
CA ASP A 157 6.66 17.69 -12.09
C ASP A 157 6.85 16.88 -13.36
N LYS A 158 5.79 16.80 -14.16
CA LYS A 158 5.85 16.05 -15.42
C LYS A 158 6.82 16.72 -16.40
N LYS A 159 6.81 18.04 -16.45
CA LYS A 159 7.71 18.76 -17.34
C LYS A 159 9.17 18.68 -16.89
N GLU A 160 9.40 18.80 -15.59
CA GLU A 160 10.77 18.89 -15.10
C GLU A 160 11.32 17.58 -14.51
N LYS A 161 10.47 16.56 -14.42
CA LYS A 161 10.86 15.27 -13.82
C LYS A 161 11.44 15.45 -12.44
N ILE A 162 10.77 16.26 -11.63
CA ILE A 162 11.28 16.61 -10.30
C ILE A 162 11.40 15.39 -9.38
N ARG A 163 10.31 14.63 -9.21
CA ARG A 163 10.37 13.48 -8.33
C ARG A 163 11.27 12.39 -8.90
N GLU A 164 11.21 12.20 -10.21
CA GLU A 164 12.01 11.17 -10.85
C GLU A 164 13.51 11.38 -10.64
N LYS A 165 13.99 12.61 -10.89
CA LYS A 165 15.39 12.94 -10.63
C LYS A 165 15.82 12.78 -9.17
N PHE A 166 14.91 13.16 -8.27
CA PHE A 166 15.16 13.05 -6.82
C PHE A 166 15.35 11.56 -6.49
N VAL A 167 14.47 10.73 -7.02
CA VAL A 167 14.57 9.29 -6.76
C VAL A 167 15.87 8.69 -7.32
N GLU A 168 16.29 9.17 -8.49
CA GLU A 168 17.54 8.69 -9.09
C GLU A 168 18.72 9.00 -8.18
N ALA A 169 18.74 10.22 -7.64
CA ALA A 169 19.83 10.64 -6.77
C ALA A 169 19.83 9.82 -5.47
N LEU A 170 18.64 9.60 -4.93
CA LEU A 170 18.47 8.81 -3.72
C LEU A 170 18.94 7.37 -3.89
N LYS A 171 18.51 6.74 -4.96
CA LYS A 171 18.86 5.34 -5.22
C LYS A 171 20.37 5.17 -5.32
N THR A 172 21.02 6.08 -6.03
CA THR A 172 22.48 6.01 -6.20
C THR A 172 23.18 6.22 -4.85
N GLU A 173 22.77 7.25 -4.12
CA GLU A 173 23.37 7.55 -2.82
C GLU A 173 23.27 6.37 -1.86
N PHE A 174 22.13 5.68 -1.86
CA PHE A 174 21.91 4.60 -0.90
C PHE A 174 22.03 3.19 -1.49
N ALA A 175 22.70 3.10 -2.63
CA ALA A 175 22.89 1.84 -3.35
C ALA A 175 23.43 0.76 -2.42
N GLY A 176 22.75 -0.37 -2.34
CA GLY A 176 23.21 -1.48 -1.52
C GLY A 176 22.74 -1.44 -0.07
N LYS A 177 22.09 -0.34 0.33
CA LYS A 177 21.67 -0.16 1.72
C LYS A 177 20.24 -0.61 2.04
N GLY A 178 19.55 -1.20 1.07
CA GLY A 178 18.26 -1.83 1.33
C GLY A 178 17.03 -0.94 1.38
N LEU A 179 17.06 0.18 0.66
CA LEU A 179 15.90 1.04 0.55
C LEU A 179 15.26 0.89 -0.81
N ARG A 180 13.93 0.97 -0.86
CA ARG A 180 13.20 0.95 -2.12
C ARG A 180 12.39 2.23 -2.23
N PHE A 181 12.03 2.58 -3.46
CA PHE A 181 11.37 3.85 -3.74
C PHE A 181 10.22 3.60 -4.66
N SER A 182 9.06 4.19 -4.35
CA SER A 182 7.88 3.99 -5.16
C SER A 182 8.03 4.68 -6.50
N ARG A 183 7.28 4.21 -7.49
CA ARG A 183 7.37 4.76 -8.84
C ARG A 183 6.16 5.60 -9.20
N GLY A 184 5.13 5.56 -8.35
CA GLY A 184 3.90 6.28 -8.60
C GLY A 184 3.78 7.56 -7.81
N GLY A 185 2.55 7.91 -7.40
CA GLY A 185 2.30 9.12 -6.61
C GLY A 185 2.09 10.35 -7.48
N MET A 186 1.64 11.45 -6.88
CA MET A 186 1.39 12.68 -7.62
C MET A 186 2.20 13.87 -7.09
N ILE A 187 2.19 14.08 -5.79
CA ILE A 187 3.02 15.12 -5.19
C ILE A 187 4.13 14.52 -4.36
N SER A 188 4.22 13.20 -4.34
CA SER A 188 5.14 12.55 -3.43
C SER A 188 5.70 11.25 -3.97
N PHE A 189 6.66 10.69 -3.23
CA PHE A 189 7.07 9.31 -3.47
C PHE A 189 7.36 8.65 -2.12
N ASP A 190 7.30 7.32 -2.11
CA ASP A 190 7.47 6.55 -0.90
C ASP A 190 8.91 6.02 -0.79
N VAL A 191 9.46 6.03 0.43
CA VAL A 191 10.73 5.35 0.70
C VAL A 191 10.49 4.28 1.76
N PHE A 192 10.81 3.03 1.44
CA PHE A 192 10.54 1.93 2.36
C PHE A 192 11.63 0.87 2.32
N PRO A 193 11.75 0.09 3.40
CA PRO A 193 12.77 -0.97 3.43
C PRO A 193 12.46 -2.07 2.43
N GLU A 194 13.50 -2.67 1.85
CA GLU A 194 13.32 -3.83 0.99
C GLU A 194 12.47 -4.89 1.70
N GLY A 195 11.49 -5.44 0.99
CA GLY A 195 10.61 -6.45 1.57
C GLY A 195 9.38 -5.86 2.24
N TRP A 196 9.33 -4.54 2.35
CA TRP A 196 8.16 -3.92 2.98
C TRP A 196 7.10 -3.50 1.98
N ASP A 197 7.10 -4.17 0.82
CA ASP A 197 5.98 -4.17 -0.09
C ASP A 197 4.89 -5.04 0.52
N LYS A 198 3.85 -5.35 -0.26
CA LYS A 198 2.73 -6.14 0.28
C LYS A 198 3.10 -7.50 0.88
N ARG A 199 4.26 -8.06 0.50
CA ARG A 199 4.71 -9.34 1.08
C ARG A 199 4.84 -9.31 2.59
N TYR A 200 5.02 -8.11 3.15
CA TYR A 200 5.23 -7.99 4.59
C TYR A 200 4.14 -8.71 5.40
N CYS A 201 2.89 -8.59 4.97
CA CYS A 201 1.78 -9.23 5.68
C CYS A 201 1.86 -10.77 5.70
N LEU A 202 2.60 -11.34 4.75
CA LEU A 202 2.67 -12.81 4.63
C LEU A 202 3.38 -13.46 5.83
N ASP A 203 4.35 -12.78 6.42
CA ASP A 203 5.07 -13.38 7.55
C ASP A 203 4.15 -13.74 8.71
N SER A 204 3.25 -12.82 9.06
CA SER A 204 2.30 -13.10 10.12
C SER A 204 1.31 -14.17 9.69
N LEU A 205 0.83 -14.09 8.46
CA LEU A 205 -0.15 -15.04 7.98
C LEU A 205 0.38 -16.46 7.97
N ASP A 206 1.69 -16.59 7.75
CA ASP A 206 2.40 -17.88 7.78
C ASP A 206 2.11 -18.68 9.05
N GLN A 207 1.81 -17.96 10.13
CA GLN A 207 1.59 -18.60 11.43
C GLN A 207 0.12 -18.92 11.70
N ASP A 208 -0.77 -18.63 10.76
CA ASP A 208 -2.20 -18.75 11.04
C ASP A 208 -2.85 -20.01 10.46
N SER A 209 -2.01 -20.98 10.10
CA SER A 209 -2.45 -22.31 9.68
C SER A 209 -3.48 -22.33 8.54
N PHE A 210 -3.24 -21.52 7.51
CA PHE A 210 -4.08 -21.59 6.33
C PHE A 210 -3.55 -22.68 5.41
N ASP A 211 -4.44 -23.52 4.91
CA ASP A 211 -4.05 -24.48 3.91
C ASP A 211 -3.68 -23.74 2.63
N THR A 212 -4.47 -22.70 2.32
CA THR A 212 -4.25 -21.95 1.10
C THR A 212 -4.53 -20.46 1.31
N ILE A 213 -3.67 -19.61 0.77
CA ILE A 213 -3.93 -18.19 0.72
C ILE A 213 -4.01 -17.72 -0.73
N HIS A 214 -5.18 -17.25 -1.14
CA HIS A 214 -5.37 -16.74 -2.49
C HIS A 214 -5.19 -15.24 -2.46
N PHE A 215 -4.29 -14.71 -3.28
CA PHE A 215 -4.15 -13.26 -3.37
C PHE A 215 -4.72 -12.72 -4.67
N PHE A 216 -5.47 -11.62 -4.58
CA PHE A 216 -6.05 -10.95 -5.75
C PHE A 216 -5.55 -9.52 -5.84
N GLY A 217 -5.02 -9.12 -7.00
CA GLY A 217 -4.51 -7.77 -7.18
C GLY A 217 -4.58 -7.30 -8.64
N ASN A 218 -4.59 -5.99 -8.85
CA ASN A 218 -4.69 -5.44 -10.20
C ASN A 218 -3.39 -4.82 -10.70
N GLU A 219 -2.33 -4.92 -9.89
CA GLU A 219 -1.01 -4.46 -10.31
C GLU A 219 0.03 -5.57 -10.17
N THR A 220 -0.20 -6.68 -10.88
CA THR A 220 0.62 -7.88 -10.68
C THR A 220 1.78 -8.05 -11.68
N SER A 221 1.94 -7.11 -12.61
CA SER A 221 3.05 -7.14 -13.56
C SER A 221 4.26 -6.48 -12.89
N PRO A 222 5.47 -6.72 -13.40
CA PRO A 222 6.65 -6.09 -12.78
C PRO A 222 6.48 -4.58 -12.74
N GLY A 223 6.88 -3.97 -11.63
CA GLY A 223 6.63 -2.56 -11.42
C GLY A 223 5.37 -2.30 -10.60
N GLY A 224 4.38 -3.19 -10.67
CA GLY A 224 3.15 -3.00 -9.92
C GLY A 224 3.30 -3.24 -8.44
N ASN A 225 2.43 -2.64 -7.62
CA ASN A 225 2.56 -2.82 -6.17
C ASN A 225 1.97 -4.13 -5.64
N ASP A 226 1.51 -4.99 -6.56
CA ASP A 226 1.01 -6.32 -6.21
C ASP A 226 1.94 -7.42 -6.69
N PHE A 227 2.98 -7.06 -7.45
CA PHE A 227 3.79 -8.06 -8.13
C PHE A 227 4.41 -9.06 -7.15
N GLU A 228 5.03 -8.52 -6.11
CA GLU A 228 5.77 -9.35 -5.17
C GLU A 228 4.89 -10.29 -4.37
N ILE A 229 3.75 -9.82 -3.89
CA ILE A 229 2.90 -10.69 -3.09
C ILE A 229 2.23 -11.72 -3.99
N PHE A 230 1.94 -11.32 -5.22
CA PHE A 230 1.33 -12.20 -6.24
C PHE A 230 2.28 -13.34 -6.56
N ALA A 231 3.54 -13.00 -6.79
CA ALA A 231 4.55 -13.98 -7.22
C ALA A 231 5.12 -14.84 -6.08
N ASP A 232 4.90 -14.41 -4.84
CA ASP A 232 5.43 -15.11 -3.68
C ASP A 232 4.92 -16.56 -3.61
N PRO A 233 5.81 -17.52 -3.30
CA PRO A 233 5.35 -18.92 -3.30
C PRO A 233 4.39 -19.26 -2.17
N ARG A 234 4.18 -18.34 -1.23
CA ARG A 234 3.21 -18.58 -0.15
C ARG A 234 1.77 -18.29 -0.58
N THR A 235 1.60 -17.67 -1.75
CA THR A 235 0.26 -17.36 -2.22
C THR A 235 -0.07 -18.05 -3.56
N VAL A 236 -1.35 -18.32 -3.74
CA VAL A 236 -1.89 -18.61 -5.05
C VAL A 236 -2.31 -17.27 -5.64
N GLY A 237 -1.70 -16.89 -6.75
CA GLY A 237 -1.89 -15.54 -7.28
C GLY A 237 -2.97 -15.39 -8.31
N HIS A 238 -3.73 -14.30 -8.22
CA HIS A 238 -4.78 -13.99 -9.20
C HIS A 238 -4.70 -12.53 -9.66
N SER A 239 -4.66 -12.35 -10.98
CA SER A 239 -4.58 -11.02 -11.58
CA SER A 239 -4.59 -11.02 -11.58
C SER A 239 -5.98 -10.59 -12.02
N VAL A 240 -6.41 -9.41 -11.57
CA VAL A 240 -7.74 -8.90 -11.88
C VAL A 240 -7.65 -7.50 -12.46
N VAL A 241 -8.70 -7.07 -13.17
CA VAL A 241 -8.69 -5.75 -13.79
C VAL A 241 -9.73 -4.80 -13.20
N SER A 242 -10.63 -5.33 -12.38
CA SER A 242 -11.71 -4.51 -11.80
C SER A 242 -12.37 -5.26 -10.65
N PRO A 243 -13.17 -4.56 -9.83
CA PRO A 243 -13.85 -5.28 -8.75
C PRO A 243 -14.84 -6.32 -9.28
N GLN A 244 -15.43 -6.03 -10.44
CA GLN A 244 -16.34 -6.98 -11.06
C GLN A 244 -15.60 -8.26 -11.48
N ASP A 245 -14.41 -8.08 -12.02
CA ASP A 245 -13.52 -9.19 -12.39
C ASP A 245 -13.18 -10.02 -11.15
N THR A 246 -12.86 -9.31 -10.06
CA THR A 246 -12.55 -9.98 -8.79
C THR A 246 -13.71 -10.83 -8.29
N VAL A 247 -14.92 -10.28 -8.31
CA VAL A 247 -16.09 -11.03 -7.89
C VAL A 247 -16.30 -12.26 -8.76
N GLN A 248 -16.16 -12.09 -10.07
CA GLN A 248 -16.34 -13.18 -11.02
C GLN A 248 -15.33 -14.30 -10.76
N ARG A 249 -14.08 -13.92 -10.57
CA ARG A 249 -13.01 -14.89 -10.29
C ARG A 249 -13.31 -15.67 -9.01
N CYS A 250 -13.75 -14.97 -7.96
CA CYS A 250 -14.08 -15.65 -6.71
C CYS A 250 -15.28 -16.59 -6.88
N ARG A 251 -16.26 -16.19 -7.68
CA ARG A 251 -17.41 -17.05 -7.97
C ARG A 251 -16.95 -18.33 -8.65
N GLU A 252 -16.07 -18.17 -9.63
CA GLU A 252 -15.57 -19.31 -10.41
C GLU A 252 -14.86 -20.31 -9.51
N ILE A 253 -14.03 -19.79 -8.61
CA ILE A 253 -13.20 -20.64 -7.78
C ILE A 253 -13.97 -21.23 -6.60
N PHE A 254 -14.77 -20.41 -5.94
CA PHE A 254 -15.39 -20.80 -4.67
C PHE A 254 -16.89 -21.12 -4.75
N PHE A 255 -17.55 -20.73 -5.83
CA PHE A 255 -18.95 -21.11 -6.02
C PHE A 255 -19.19 -21.66 -7.43
N PRO A 256 -18.46 -22.72 -7.82
CA PRO A 256 -18.54 -23.23 -9.19
C PRO A 256 -19.86 -23.94 -9.47
MG MG B . -4.61 -1.90 -6.71
MG MG C . 2.05 -16.56 -5.34
P IMP D . 0.13 11.63 -3.65
O1P IMP D . -0.79 12.04 -4.78
O2P IMP D . -0.19 12.19 -2.28
O3P IMP D . 1.55 11.86 -4.09
O5' IMP D . -0.09 10.07 -3.47
C5' IMP D . -1.12 9.57 -2.63
C4' IMP D . -0.66 8.37 -1.85
O4' IMP D . -0.12 7.40 -2.77
C3' IMP D . 0.42 8.66 -0.81
O3' IMP D . -0.05 8.33 0.49
C2' IMP D . 1.60 7.75 -1.21
O2' IMP D . 2.22 7.10 -0.11
C1' IMP D . 0.95 6.72 -2.15
N9 IMP D . 1.85 6.26 -3.21
C8 IMP D . 3.08 6.79 -3.56
N7 IMP D . 3.58 6.05 -4.59
C5 IMP D . 2.69 5.08 -4.91
C6 IMP D . 2.69 4.07 -5.87
O6 IMP D . 3.72 3.82 -6.51
N1 IMP D . 1.61 3.21 -5.94
C2 IMP D . 0.54 3.36 -5.08
N3 IMP D . 0.55 4.36 -4.14
C4 IMP D . 1.60 5.20 -4.05
#